data_5CMT
#
_entry.id   5CMT
#
_cell.length_a   35.375
_cell.length_b   50.697
_cell.length_c   129.778
_cell.angle_alpha   90.000
_cell.angle_beta   90.000
_cell.angle_gamma   90.000
#
_symmetry.space_group_name_H-M   'P 2 21 21'
#
loop_
_entity.id
_entity.type
_entity.pdbx_description
1 polymer 'Adenosine monophosphate-protein transferase NmFic'
2 non-polymer GLYCEROL
3 non-polymer 'CHLORIDE ION'
4 water water
#
_entity_poly.entity_id   1
_entity_poly.type   'polypeptide(L)'
_entity_poly.pdbx_seq_one_letter_code
;MHHHHHHMKSIDEQSLHNARRLFESGDIDRIEVGTTAGLQQIHRYLFGGLYDFAGQIREDNISKGGFRFANAMYLKEALV
KIEQMPERTFEEIIAKYVEMNIAHPFLEGNGRSTRIWLDLVLKKNLKKVVNWQNVSKTLYLQAMERSPVNDLRLRFLLKD
NLTDDVDNREIIFKGIEQSFYYEGYEKG
;
_entity_poly.pdbx_strand_id   A
#
loop_
_chem_comp.id
_chem_comp.type
_chem_comp.name
_chem_comp.formula
CL non-polymer 'CHLORIDE ION' 'Cl -1'
GOL non-polymer GLYCEROL 'C3 H8 O3'
#
# COMPACT_ATOMS: atom_id res chain seq x y z
N HIS A 7 -5.97 -27.69 -2.37
CA HIS A 7 -6.98 -27.29 -3.29
C HIS A 7 -6.48 -26.10 -4.11
N MET A 8 -7.20 -25.83 -5.24
CA MET A 8 -6.70 -24.77 -6.14
C MET A 8 -6.47 -23.49 -5.37
N LYS A 9 -5.38 -22.83 -5.66
CA LYS A 9 -5.16 -21.57 -5.00
C LYS A 9 -6.19 -20.54 -5.33
N SER A 10 -6.59 -19.81 -4.30
CA SER A 10 -7.46 -18.63 -4.48
C SER A 10 -6.59 -17.47 -5.06
N ILE A 11 -7.30 -16.42 -5.49
CA ILE A 11 -6.59 -15.21 -5.88
C ILE A 11 -5.77 -14.68 -4.71
N ASP A 12 -6.30 -14.64 -3.52
CA ASP A 12 -5.54 -14.14 -2.37
C ASP A 12 -4.34 -15.00 -2.10
N GLU A 13 -4.47 -16.31 -2.19
CA GLU A 13 -3.32 -17.17 -1.93
C GLU A 13 -2.24 -17.01 -2.98
N GLN A 14 -2.62 -16.99 -4.27
CA GLN A 14 -1.61 -16.83 -5.29
C GLN A 14 -0.97 -15.47 -5.24
N SER A 15 -1.73 -14.41 -4.95
CA SER A 15 -1.15 -13.08 -4.87
C SER A 15 -0.20 -12.98 -3.69
N LEU A 16 -0.43 -13.72 -2.60
CA LEU A 16 0.51 -13.77 -1.49
C LEU A 16 1.83 -14.41 -1.92
N HIS A 17 1.71 -15.52 -2.69
N HIS A 17 1.76 -15.51 -2.71
CA HIS A 17 2.91 -16.12 -3.26
CA HIS A 17 2.99 -16.09 -3.24
C HIS A 17 3.62 -15.14 -4.13
C HIS A 17 3.65 -15.17 -4.21
N ASN A 18 2.88 -14.39 -4.96
CA ASN A 18 3.51 -13.41 -5.83
C ASN A 18 4.23 -12.31 -5.04
N ALA A 19 3.63 -11.87 -3.94
CA ALA A 19 4.29 -10.88 -3.08
C ALA A 19 5.56 -11.42 -2.50
N ARG A 20 5.57 -12.70 -2.07
CA ARG A 20 6.81 -13.29 -1.55
C ARG A 20 7.85 -13.32 -2.64
N ARG A 21 7.47 -13.69 -3.85
N ARG A 21 7.47 -13.69 -3.86
CA ARG A 21 8.42 -13.77 -4.94
CA ARG A 21 8.44 -13.76 -4.94
C ARG A 21 8.97 -12.39 -5.32
C ARG A 21 8.96 -12.38 -5.36
N LEU A 22 8.14 -11.34 -5.23
CA LEU A 22 8.59 -9.99 -5.47
C LEU A 22 9.82 -9.70 -4.65
N PHE A 23 9.82 -10.11 -3.38
CA PHE A 23 10.98 -9.95 -2.53
C PHE A 23 12.09 -10.99 -2.80
N GLU A 24 11.76 -12.26 -2.92
CA GLU A 24 12.77 -13.31 -3.08
C GLU A 24 13.60 -13.11 -4.30
N SER A 25 12.96 -12.66 -5.37
CA SER A 25 13.63 -12.46 -6.65
C SER A 25 14.52 -11.24 -6.70
N GLY A 26 14.39 -10.33 -5.74
CA GLY A 26 14.97 -9.01 -5.85
C GLY A 26 14.27 -8.00 -6.67
N ASP A 27 13.17 -8.40 -7.31
CA ASP A 27 12.43 -7.48 -8.17
C ASP A 27 11.86 -6.30 -7.41
N ILE A 28 11.60 -6.46 -6.12
CA ILE A 28 11.16 -5.37 -5.24
C ILE A 28 12.02 -4.11 -5.35
N ASP A 29 13.34 -4.31 -5.50
CA ASP A 29 14.26 -3.19 -5.48
C ASP A 29 14.60 -2.67 -6.86
N ARG A 30 13.85 -3.09 -7.89
CA ARG A 30 13.99 -2.62 -9.19
C ARG A 30 12.79 -1.80 -9.68
N ILE A 31 11.76 -1.63 -8.82
N ILE A 31 11.82 -1.47 -8.87
CA ILE A 31 10.56 -0.79 -8.97
CA ILE A 31 10.73 -0.68 -9.32
C ILE A 31 10.81 0.65 -8.67
C ILE A 31 10.73 0.65 -8.62
N GLU A 32 10.09 1.56 -9.35
CA GLU A 32 10.19 2.96 -8.95
C GLU A 32 9.59 3.16 -7.59
N VAL A 33 10.20 4.01 -6.80
CA VAL A 33 9.77 4.27 -5.41
C VAL A 33 8.94 5.55 -5.37
N GLY A 34 7.79 5.47 -4.71
CA GLY A 34 7.04 6.68 -4.36
C GLY A 34 6.21 7.30 -5.47
N THR A 35 6.06 6.59 -6.58
CA THR A 35 5.37 7.11 -7.75
C THR A 35 4.14 6.30 -8.06
N THR A 36 3.24 6.86 -8.87
CA THR A 36 2.10 6.11 -9.33
C THR A 36 2.54 4.89 -10.12
N ALA A 37 3.51 5.10 -11.04
CA ALA A 37 3.98 4.00 -11.86
C ALA A 37 4.54 2.87 -10.98
N GLY A 38 5.25 3.22 -9.91
CA GLY A 38 5.79 2.22 -9.01
C GLY A 38 4.69 1.41 -8.31
N LEU A 39 3.63 2.12 -7.90
CA LEU A 39 2.47 1.42 -7.34
C LEU A 39 1.84 0.48 -8.36
N GLN A 40 1.70 0.94 -9.59
CA GLN A 40 1.17 0.08 -10.66
C GLN A 40 2.07 -1.15 -10.86
N GLN A 41 3.39 -0.99 -10.77
CA GLN A 41 4.30 -2.11 -10.94
C GLN A 41 4.09 -3.15 -9.83
N ILE A 42 3.93 -2.67 -8.58
CA ILE A 42 3.64 -3.60 -7.49
C ILE A 42 2.34 -4.35 -7.75
N HIS A 43 1.30 -3.60 -8.12
CA HIS A 43 -0.03 -4.20 -8.32
C HIS A 43 0.03 -5.24 -9.45
N ARG A 44 0.73 -4.89 -10.50
N ARG A 44 0.68 -4.93 -10.56
CA ARG A 44 0.87 -5.82 -11.62
CA ARG A 44 0.86 -5.98 -11.59
C ARG A 44 1.63 -7.08 -11.25
C ARG A 44 1.54 -7.19 -11.08
N TYR A 45 2.60 -6.97 -10.35
CA TYR A 45 3.37 -8.12 -9.85
C TYR A 45 2.48 -9.02 -8.98
N LEU A 46 1.72 -8.39 -8.08
CA LEU A 46 0.89 -9.16 -7.18
C LEU A 46 -0.28 -9.84 -7.89
N PHE A 47 -0.90 -9.10 -8.82
CA PHE A 47 -2.19 -9.50 -9.32
C PHE A 47 -2.22 -9.88 -10.81
N GLY A 48 -1.12 -9.78 -11.49
CA GLY A 48 -1.08 -10.16 -12.90
C GLY A 48 -1.40 -11.62 -13.02
N GLY A 49 -2.31 -11.92 -13.93
CA GLY A 49 -2.85 -13.23 -14.18
C GLY A 49 -4.02 -13.56 -13.30
N LEU A 50 -4.32 -12.75 -12.30
CA LEU A 50 -5.34 -12.99 -11.30
C LEU A 50 -6.53 -12.06 -11.48
N TYR A 51 -6.23 -10.75 -11.64
CA TYR A 51 -7.26 -9.76 -12.01
C TYR A 51 -6.94 -9.21 -13.38
N ASP A 52 -7.92 -9.07 -14.27
N ASP A 52 -8.00 -9.06 -14.20
CA ASP A 52 -7.57 -8.54 -15.58
CA ASP A 52 -7.87 -8.55 -15.53
C ASP A 52 -7.15 -7.08 -15.54
C ASP A 52 -7.31 -7.12 -15.55
N PHE A 53 -7.55 -6.39 -14.49
CA PHE A 53 -7.13 -4.96 -14.34
C PHE A 53 -5.83 -4.79 -13.57
N ALA A 54 -5.02 -5.87 -13.41
CA ALA A 54 -3.76 -5.71 -12.73
C ALA A 54 -2.95 -4.58 -13.28
N GLY A 55 -2.48 -3.70 -12.39
CA GLY A 55 -1.68 -2.56 -12.80
C GLY A 55 -2.39 -1.39 -13.39
N GLN A 56 -3.72 -1.47 -13.60
CA GLN A 56 -4.47 -0.49 -14.34
C GLN A 56 -5.24 0.47 -13.45
N ILE A 57 -5.13 1.75 -13.70
CA ILE A 57 -5.91 2.75 -12.97
C ILE A 57 -7.38 2.60 -13.31
N ARG A 58 -8.21 2.53 -12.29
CA ARG A 58 -9.66 2.32 -12.49
C ARG A 58 -10.34 3.54 -13.18
N GLU A 59 -11.44 3.21 -13.86
CA GLU A 59 -12.32 4.18 -14.47
C GLU A 59 -13.66 4.25 -13.75
N ASP A 60 -13.92 3.36 -12.81
CA ASP A 60 -15.16 3.28 -12.07
C ASP A 60 -14.93 3.76 -10.66
N ASN A 61 -15.99 4.24 -10.00
N ASN A 61 -16.02 4.14 -9.99
CA ASN A 61 -15.92 4.54 -8.62
CA ASN A 61 -16.01 4.56 -8.63
C ASN A 61 -16.02 3.32 -7.73
C ASN A 61 -16.21 3.38 -7.65
N ILE A 62 -15.50 3.44 -6.51
CA ILE A 62 -15.50 2.41 -5.55
C ILE A 62 -15.68 3.03 -4.15
N SER A 63 -16.23 2.23 -3.26
N SER A 63 -16.31 2.26 -3.28
CA SER A 63 -16.53 2.64 -1.92
CA SER A 63 -16.58 2.61 -1.92
C SER A 63 -16.49 1.43 -1.01
C SER A 63 -16.33 1.42 -1.03
N LYS A 64 -16.23 1.68 0.26
CA LYS A 64 -16.19 0.61 1.27
C LYS A 64 -16.78 1.20 2.51
N GLY A 65 -17.82 0.52 3.06
CA GLY A 65 -18.76 1.21 3.95
C GLY A 65 -19.30 2.55 3.45
N GLY A 66 -19.28 3.63 4.22
CA GLY A 66 -19.84 4.87 3.97
C GLY A 66 -18.78 5.80 3.43
N PHE A 67 -17.64 5.13 3.00
CA PHE A 67 -16.49 5.90 2.40
C PHE A 67 -16.26 5.70 0.96
N ARG A 68 -16.34 6.79 0.21
CA ARG A 68 -16.11 6.77 -1.19
C ARG A 68 -14.67 7.23 -1.48
N PHE A 69 -13.90 6.41 -2.17
CA PHE A 69 -12.57 6.76 -2.60
C PHE A 69 -12.57 7.82 -3.68
N ALA A 70 -11.43 8.36 -4.04
CA ALA A 70 -11.38 9.52 -4.96
C ALA A 70 -12.14 9.22 -6.21
N ASN A 71 -12.90 10.22 -6.69
CA ASN A 71 -13.69 10.03 -7.90
C ASN A 71 -12.80 9.71 -9.09
N ALA A 72 -13.19 8.64 -9.80
CA ALA A 72 -12.47 8.25 -11.03
C ALA A 72 -12.35 9.40 -12.03
N MET A 73 -13.34 10.28 -11.95
N MET A 73 -13.26 10.39 -12.13
CA MET A 73 -13.42 11.36 -12.84
CA MET A 73 -13.09 11.43 -13.20
C MET A 73 -12.13 12.26 -12.80
C MET A 73 -11.89 12.35 -12.92
N TYR A 74 -11.48 12.45 -11.62
CA TYR A 74 -10.29 13.27 -11.40
C TYR A 74 -9.21 12.46 -10.71
N LEU A 75 -9.25 11.16 -10.78
CA LEU A 75 -8.27 10.29 -10.12
C LEU A 75 -6.91 10.43 -10.74
N LYS A 76 -6.82 10.48 -12.09
CA LYS A 76 -5.53 10.60 -12.71
C LYS A 76 -4.81 11.92 -12.28
N GLU A 77 -5.64 12.97 -12.26
N GLU A 77 -5.59 13.03 -12.25
CA GLU A 77 -5.18 14.26 -11.86
CA GLU A 77 -5.02 14.29 -11.81
C GLU A 77 -4.69 14.27 -10.40
C GLU A 77 -4.62 14.23 -10.36
N ALA A 78 -5.46 13.59 -9.55
CA ALA A 78 -5.08 13.45 -8.16
C ALA A 78 -3.74 12.71 -8.03
N LEU A 79 -3.57 11.62 -8.75
CA LEU A 79 -2.37 10.82 -8.68
C LEU A 79 -1.13 11.61 -9.07
N VAL A 80 -1.24 12.47 -10.09
CA VAL A 80 -0.11 13.31 -10.48
C VAL A 80 0.33 14.16 -9.31
N LYS A 81 -0.62 14.75 -8.58
N LYS A 81 -0.64 14.76 -8.60
CA LYS A 81 -0.24 15.57 -7.39
CA LYS A 81 -0.26 15.58 -7.40
C LYS A 81 0.28 14.72 -6.24
C LYS A 81 0.30 14.71 -6.29
N ILE A 82 -0.33 13.58 -6.01
CA ILE A 82 0.07 12.72 -4.92
C ILE A 82 1.56 12.28 -5.08
N GLU A 83 1.89 11.82 -6.30
CA GLU A 83 3.21 11.25 -6.48
C GLU A 83 4.31 12.32 -6.35
N GLN A 84 3.96 13.59 -6.56
N GLN A 84 3.92 13.59 -6.50
CA GLN A 84 4.93 14.67 -6.37
CA GLN A 84 4.86 14.71 -6.33
C GLN A 84 5.02 15.17 -4.91
C GLN A 84 5.06 15.14 -4.89
N MET A 85 4.26 14.59 -3.99
CA MET A 85 4.41 14.96 -2.57
C MET A 85 5.80 14.56 -2.07
N PRO A 86 6.34 15.34 -1.12
CA PRO A 86 7.69 15.08 -0.63
C PRO A 86 7.72 13.86 0.31
N GLU A 87 8.93 13.36 0.51
CA GLU A 87 9.18 12.10 1.22
C GLU A 87 10.36 12.24 2.21
N ARG A 88 10.67 13.39 2.71
N ARG A 88 10.58 13.49 2.66
CA ARG A 88 11.96 13.44 3.44
CA ARG A 88 11.77 13.82 3.47
C ARG A 88 11.80 13.28 4.94
C ARG A 88 11.72 13.04 4.81
N THR A 89 10.57 13.30 5.46
CA THR A 89 10.39 12.99 6.87
C THR A 89 9.30 11.91 7.01
N PHE A 90 9.25 11.26 8.16
CA PHE A 90 8.20 10.30 8.45
C PHE A 90 6.86 10.93 8.32
N GLU A 91 6.66 12.13 8.86
N GLU A 91 6.67 12.14 8.83
CA GLU A 91 5.38 12.81 8.75
CA GLU A 91 5.39 12.80 8.74
C GLU A 91 4.96 13.03 7.31
C GLU A 91 4.96 12.99 7.29
N GLU A 92 5.89 13.47 6.46
CA GLU A 92 5.59 13.67 5.05
C GLU A 92 5.24 12.34 4.37
N ILE A 93 5.95 11.28 4.69
CA ILE A 93 5.71 10.00 4.04
C ILE A 93 4.36 9.47 4.43
N ILE A 94 3.97 9.55 5.71
CA ILE A 94 2.63 9.12 6.10
C ILE A 94 1.59 9.98 5.44
N ALA A 95 1.77 11.28 5.33
CA ALA A 95 0.78 12.11 4.62
C ALA A 95 0.63 11.66 3.18
N LYS A 96 1.72 11.34 2.51
CA LYS A 96 1.68 10.89 1.11
C LYS A 96 0.93 9.56 1.02
N TYR A 97 1.23 8.65 1.93
CA TYR A 97 0.49 7.37 2.00
C TYR A 97 -0.99 7.55 2.24
N VAL A 98 -1.37 8.44 3.15
CA VAL A 98 -2.78 8.70 3.42
C VAL A 98 -3.47 9.13 2.14
N GLU A 99 -2.83 10.03 1.38
CA GLU A 99 -3.46 10.46 0.13
C GLU A 99 -3.51 9.38 -0.91
N MET A 100 -2.51 8.51 -0.99
CA MET A 100 -2.55 7.40 -1.92
C MET A 100 -3.61 6.39 -1.51
N ASN A 101 -3.85 6.19 -0.23
CA ASN A 101 -4.94 5.36 0.22
C ASN A 101 -6.28 5.96 -0.20
N ILE A 102 -6.48 7.26 0.00
CA ILE A 102 -7.70 7.91 -0.41
C ILE A 102 -7.91 7.75 -1.93
N ALA A 103 -6.84 7.85 -2.71
CA ALA A 103 -6.92 7.66 -4.15
C ALA A 103 -7.40 6.26 -4.48
N HIS A 104 -6.82 5.24 -3.84
CA HIS A 104 -7.32 3.85 -3.97
C HIS A 104 -7.48 3.52 -5.47
N PRO A 105 -6.39 3.58 -6.27
CA PRO A 105 -6.55 3.70 -7.72
C PRO A 105 -6.91 2.44 -8.46
N PHE A 106 -6.99 1.29 -7.86
CA PHE A 106 -7.35 0.07 -8.53
C PHE A 106 -8.72 -0.40 -8.10
N LEU A 107 -9.33 -1.32 -8.86
CA LEU A 107 -10.64 -1.84 -8.41
C LEU A 107 -10.51 -2.70 -7.16
N GLU A 108 -9.41 -3.43 -7.00
CA GLU A 108 -9.15 -4.31 -5.89
C GLU A 108 -7.64 -4.27 -5.67
N GLY A 109 -7.17 -4.69 -4.48
CA GLY A 109 -5.71 -4.83 -4.26
C GLY A 109 -5.05 -3.57 -3.82
N ASN A 110 -5.79 -2.53 -3.46
CA ASN A 110 -5.18 -1.26 -3.05
C ASN A 110 -4.42 -1.37 -1.75
N GLY A 111 -5.02 -1.96 -0.74
CA GLY A 111 -4.39 -2.02 0.57
C GLY A 111 -3.03 -2.69 0.53
N ARG A 112 -3.02 -3.91 -0.05
CA ARG A 112 -1.80 -4.71 -0.04
C ARG A 112 -0.71 -4.08 -0.88
N SER A 113 -1.06 -3.59 -2.06
N SER A 113 -1.07 -3.59 -2.06
CA SER A 113 -0.08 -3.00 -2.94
CA SER A 113 -0.12 -2.97 -2.95
C SER A 113 0.50 -1.70 -2.34
C SER A 113 0.49 -1.72 -2.30
N THR A 114 -0.38 -0.90 -1.71
CA THR A 114 0.05 0.40 -1.24
C THR A 114 0.85 0.29 0.05
N ARG A 115 0.66 -0.78 0.85
CA ARG A 115 1.53 -0.98 2.01
C ARG A 115 2.95 -1.34 1.57
N ILE A 116 3.10 -2.16 0.52
CA ILE A 116 4.44 -2.44 -0.03
C ILE A 116 5.07 -1.12 -0.51
N TRP A 117 4.28 -0.33 -1.23
CA TRP A 117 4.71 0.98 -1.76
C TRP A 117 5.19 1.89 -0.63
N LEU A 118 4.43 1.94 0.46
CA LEU A 118 4.81 2.73 1.64
C LEU A 118 6.16 2.28 2.17
N ASP A 119 6.33 0.97 2.35
CA ASP A 119 7.58 0.47 2.91
C ASP A 119 8.76 0.84 2.02
N LEU A 120 8.59 0.83 0.67
CA LEU A 120 9.71 1.22 -0.15
C LEU A 120 10.07 2.70 0.04
N VAL A 121 9.07 3.56 0.23
CA VAL A 121 9.32 4.96 0.47
C VAL A 121 10.04 5.14 1.85
N LEU A 122 9.55 4.45 2.86
CA LEU A 122 10.22 4.50 4.17
C LEU A 122 11.65 4.00 4.05
N LYS A 123 11.84 2.91 3.32
CA LYS A 123 13.18 2.31 3.28
C LYS A 123 14.16 3.26 2.55
N LYS A 124 13.69 3.82 1.43
CA LYS A 124 14.55 4.73 0.66
C LYS A 124 14.98 5.94 1.50
N ASN A 125 13.99 6.56 2.17
CA ASN A 125 14.19 7.87 2.75
C ASN A 125 14.64 7.81 4.21
N LEU A 126 14.25 6.78 4.93
CA LEU A 126 14.53 6.67 6.38
C LEU A 126 15.35 5.43 6.72
N LYS A 127 15.53 4.49 5.81
CA LYS A 127 16.17 3.20 6.08
C LYS A 127 15.41 2.44 7.17
N LYS A 128 14.08 2.52 7.12
CA LYS A 128 13.18 1.79 8.01
C LYS A 128 12.04 1.24 7.17
N VAL A 129 11.36 0.22 7.74
CA VAL A 129 10.08 -0.25 7.22
C VAL A 129 9.14 -0.50 8.38
N VAL A 130 7.87 -0.72 8.11
CA VAL A 130 6.90 -1.04 9.15
C VAL A 130 7.01 -2.54 9.48
N ASN A 131 7.10 -2.86 10.77
CA ASN A 131 7.10 -4.25 11.21
C ASN A 131 5.62 -4.66 11.38
N TRP A 132 4.95 -4.90 10.24
CA TRP A 132 3.49 -5.10 10.20
C TRP A 132 3.01 -6.21 11.08
N GLN A 133 3.83 -7.28 11.28
CA GLN A 133 3.35 -8.40 12.12
C GLN A 133 2.93 -7.92 13.53
N ASN A 134 3.51 -6.79 14.00
CA ASN A 134 3.20 -6.29 15.29
C ASN A 134 2.14 -5.20 15.34
N VAL A 135 1.57 -4.89 14.16
CA VAL A 135 0.51 -3.87 14.02
C VAL A 135 -0.81 -4.59 13.94
N SER A 136 -1.62 -4.49 14.98
CA SER A 136 -2.90 -5.26 14.96
C SER A 136 -3.83 -4.79 13.87
N LYS A 137 -4.59 -5.74 13.36
CA LYS A 137 -5.61 -5.40 12.36
C LYS A 137 -6.55 -4.36 12.90
N THR A 138 -7.13 -4.56 14.10
CA THR A 138 -8.11 -3.61 14.60
C THR A 138 -7.52 -2.21 14.70
N LEU A 139 -6.34 -2.08 15.28
CA LEU A 139 -5.75 -0.75 15.44
C LEU A 139 -5.41 -0.14 14.07
N TYR A 140 -4.89 -0.95 13.15
CA TYR A 140 -4.59 -0.44 11.81
C TYR A 140 -5.85 0.09 11.12
N LEU A 141 -6.90 -0.71 11.13
CA LEU A 141 -8.11 -0.30 10.39
C LEU A 141 -8.72 0.93 11.02
N GLN A 142 -8.67 1.10 12.35
N GLN A 142 -8.73 0.97 12.39
CA GLN A 142 -9.31 2.28 12.91
CA GLN A 142 -9.09 2.18 13.21
C GLN A 142 -8.41 3.52 12.70
C GLN A 142 -8.44 3.40 12.61
N ALA A 143 -7.11 3.32 12.68
CA ALA A 143 -6.23 4.46 12.35
C ALA A 143 -6.45 4.89 10.90
N MET A 144 -6.59 3.92 10.00
CA MET A 144 -6.82 4.25 8.60
C MET A 144 -8.17 4.98 8.45
N GLU A 145 -9.19 4.54 9.17
N GLU A 145 -9.22 4.53 9.11
CA GLU A 145 -10.53 5.16 9.07
CA GLU A 145 -10.54 5.25 9.02
C GLU A 145 -10.46 6.64 9.55
C GLU A 145 -10.38 6.69 9.49
N ARG A 146 -9.61 6.95 10.54
CA ARG A 146 -9.51 8.28 11.02
C ARG A 146 -8.65 9.16 10.08
N SER A 147 -7.75 8.53 9.32
CA SER A 147 -6.63 9.24 8.68
C SER A 147 -7.06 10.37 7.72
N PRO A 148 -8.15 10.31 6.95
CA PRO A 148 -8.40 11.47 6.07
C PRO A 148 -8.62 12.75 6.83
N VAL A 149 -9.23 12.66 8.03
CA VAL A 149 -9.43 13.85 8.88
C VAL A 149 -8.23 14.16 9.75
N ASN A 150 -7.59 13.11 10.30
N ASN A 150 -7.63 13.14 10.35
CA ASN A 150 -6.58 13.30 11.31
CA ASN A 150 -6.48 13.38 11.21
C ASN A 150 -5.66 12.06 11.23
C ASN A 150 -5.67 12.10 11.20
N ASP A 151 -4.47 12.24 10.69
CA ASP A 151 -3.51 11.10 10.57
C ASP A 151 -2.65 10.85 11.80
N LEU A 152 -2.94 11.51 12.91
CA LEU A 152 -2.10 11.29 14.09
C LEU A 152 -2.11 9.87 14.61
N ARG A 153 -3.28 9.24 14.69
CA ARG A 153 -3.33 7.90 15.25
C ARG A 153 -2.51 6.97 14.38
N LEU A 154 -2.64 7.08 13.05
CA LEU A 154 -1.87 6.29 12.14
C LEU A 154 -0.41 6.55 12.23
N ARG A 155 0.00 7.83 12.26
N ARG A 155 -0.03 7.84 12.29
CA ARG A 155 1.41 8.17 12.42
CA ARG A 155 1.34 8.19 12.38
C ARG A 155 2.02 7.46 13.62
C ARG A 155 2.03 7.53 13.61
N PHE A 156 1.38 7.62 14.79
CA PHE A 156 1.96 7.04 16.00
C PHE A 156 1.99 5.55 15.96
N LEU A 157 0.93 4.91 15.42
CA LEU A 157 0.85 3.46 15.31
C LEU A 157 2.02 2.95 14.49
N LEU A 158 2.19 3.53 13.32
CA LEU A 158 3.26 3.07 12.44
C LEU A 158 4.62 3.43 12.97
N LYS A 159 4.79 4.65 13.54
CA LYS A 159 6.09 5.04 14.05
C LYS A 159 6.53 4.06 15.17
N ASP A 160 5.59 3.67 16.02
CA ASP A 160 5.95 2.76 17.13
C ASP A 160 6.32 1.38 16.66
N ASN A 161 6.05 1.07 15.39
CA ASN A 161 6.34 -0.22 14.84
C ASN A 161 7.34 -0.19 13.68
N LEU A 162 8.10 0.88 13.56
CA LEU A 162 9.20 0.88 12.57
C LEU A 162 10.31 -0.06 12.99
N THR A 163 11.02 -0.59 12.03
CA THR A 163 12.26 -1.32 12.24
C THR A 163 13.31 -0.89 11.26
N ASP A 164 14.55 -0.89 11.72
CA ASP A 164 15.71 -0.71 10.84
C ASP A 164 16.21 -1.99 10.20
N ASP A 165 15.60 -3.13 10.57
CA ASP A 165 16.06 -4.41 10.04
C ASP A 165 15.33 -4.75 8.76
N VAL A 166 15.57 -3.89 7.75
CA VAL A 166 14.74 -3.83 6.53
C VAL A 166 14.93 -4.98 5.60
N ASP A 167 16.02 -5.77 5.77
CA ASP A 167 16.29 -6.91 4.91
C ASP A 167 16.03 -8.25 5.55
N ASN A 168 15.42 -8.24 6.74
CA ASN A 168 15.16 -9.47 7.47
C ASN A 168 14.02 -10.25 6.87
N ARG A 169 14.27 -11.52 6.51
CA ARG A 169 13.26 -12.34 5.93
C ARG A 169 12.05 -12.49 6.78
N GLU A 170 12.18 -12.78 8.05
CA GLU A 170 11.02 -13.02 8.86
C GLU A 170 10.13 -11.77 8.97
N ILE A 171 10.72 -10.61 9.14
CA ILE A 171 9.94 -9.39 9.20
C ILE A 171 9.20 -9.18 7.86
N ILE A 172 9.86 -9.40 6.74
CA ILE A 172 9.27 -9.23 5.45
C ILE A 172 8.10 -10.21 5.25
N PHE A 173 8.37 -11.51 5.46
CA PHE A 173 7.35 -12.52 5.18
C PHE A 173 6.19 -12.48 6.17
N LYS A 174 6.45 -12.30 7.46
CA LYS A 174 5.38 -12.18 8.41
C LYS A 174 4.58 -10.88 8.16
N GLY A 175 5.27 -9.85 7.67
CA GLY A 175 4.57 -8.61 7.38
C GLY A 175 3.65 -8.75 6.17
N ILE A 176 4.07 -9.50 5.15
CA ILE A 176 3.17 -9.82 4.03
C ILE A 176 1.96 -10.56 4.57
N GLU A 177 2.18 -11.57 5.39
CA GLU A 177 1.08 -12.32 5.92
C GLU A 177 0.08 -11.40 6.65
N GLN A 178 0.61 -10.50 7.50
CA GLN A 178 -0.25 -9.62 8.23
C GLN A 178 -1.02 -8.67 7.31
N SER A 179 -0.32 -8.13 6.33
CA SER A 179 -0.93 -7.24 5.37
C SER A 179 -2.11 -7.89 4.65
N PHE A 180 -1.93 -9.16 4.25
CA PHE A 180 -3.00 -9.88 3.59
C PHE A 180 -4.15 -10.18 4.57
N TYR A 181 -3.82 -10.45 5.81
CA TYR A 181 -4.83 -10.65 6.85
C TYR A 181 -5.67 -9.38 7.11
N TYR A 182 -5.12 -8.19 6.92
CA TYR A 182 -5.91 -6.99 7.06
C TYR A 182 -7.07 -6.96 6.09
N GLU A 183 -6.91 -7.62 4.94
CA GLU A 183 -7.91 -7.66 3.86
C GLU A 183 -8.79 -8.91 3.94
N GLY A 184 -8.59 -9.71 4.97
CA GLY A 184 -9.46 -10.89 5.21
C GLY A 184 -8.88 -12.22 4.88
N TYR A 185 -7.69 -12.29 4.34
CA TYR A 185 -7.08 -13.58 3.98
C TYR A 185 -6.16 -14.19 5.11
N GLU A 186 -6.38 -15.43 5.44
CA GLU A 186 -5.39 -16.20 6.28
C GLU A 186 -5.23 -17.68 5.76
C1 GOL B . -7.95 0.33 5.08
O1 GOL B . -9.05 1.22 5.19
C2 GOL B . -7.51 0.37 3.64
O2 GOL B . -8.47 -0.10 2.61
C3 GOL B . -6.37 -0.39 3.30
O3 GOL B . -6.22 -1.74 3.99
C1 GOL C . -11.79 3.88 4.37
O1 GOL C . -11.98 2.48 4.60
C2 GOL C . -10.42 4.18 4.63
O2 GOL C . -9.40 3.44 3.72
C3 GOL C . -10.26 5.76 4.57
O3 GOL C . -8.93 6.06 4.86
CL CL D . 0.94 17.25 3.60
CL CL E . -12.32 12.72 -1.98
CL CL F . -5.98 -4.93 -0.89
#